data_4XI6
#
_entry.id   4XI6
#
_cell.length_a   73.083
_cell.length_b   73.083
_cell.length_c   170.959
_cell.angle_alpha   90.000
_cell.angle_beta   90.000
_cell.angle_gamma   90.000
#
_symmetry.space_group_name_H-M   'P 41 2 2'
#
loop_
_entity.id
_entity.type
_entity.pdbx_description
1 polymer 'E3 ubiquitin-protein ligase MIB1'
2 non-polymer 'ZINC ION'
3 non-polymer 'SULFATE ION'
4 water water
#
_entity_poly.entity_id   1
_entity_poly.type   'polypeptide(L)'
_entity_poly.pdbx_seq_one_letter_code
;SRVMVEGVGARVVRGPDWKWGKQDGGEGHVGTVRSFESPEEVVVVWDNGTAANYRCSGAYDLRILDSAPTGIKHDGTMCD
TCRQQPIIGIRWKCAECTNYDLCTVCYHGDKHHLRHRFYRITTPGSERVLLESRRKSKKITARGIFAGARVVRGVDWQWE
DQDGGNGRRGKVTEIQDWSASSPHSAAYVLWDNGAKNLYRVGFEGMSDLKCVQDAKGGSFYRDHCPVLGEQNGNRNPGGL
QIGDLVNIDLDLEIVQSLQHGHGGWTDGMFETLTTTGTVCGIDEDHDIVVQYPSGNRWTFNPAVLTKASQFQVGDLVQVC
YDLERIKLLQRGHGEWAEAMLPTLGKVGRVQQIYSDSDLKVEVCGTSWTYNPAAVSKVAS
;
_entity_poly.pdbx_strand_id   A
#
loop_
_chem_comp.id
_chem_comp.type
_chem_comp.name
_chem_comp.formula
SO4 non-polymer 'SULFATE ION' 'O4 S -2'
ZN non-polymer 'ZINC ION' 'Zn 2'
#
# COMPACT_ATOMS: atom_id res chain seq x y z
N SER A 1 -25.07 -0.30 -20.99
CA SER A 1 -23.72 -0.01 -21.42
C SER A 1 -22.83 0.40 -20.24
N ARG A 2 -21.52 0.23 -20.40
CA ARG A 2 -20.56 0.70 -19.39
C ARG A 2 -20.46 2.21 -19.39
N VAL A 3 -20.35 2.79 -18.19
CA VAL A 3 -20.21 4.24 -18.04
C VAL A 3 -19.17 4.56 -16.97
N MET A 4 -18.61 5.76 -17.01
CA MET A 4 -17.68 6.18 -15.97
C MET A 4 -18.41 6.38 -14.65
N VAL A 5 -17.78 5.93 -13.58
CA VAL A 5 -18.26 6.23 -12.24
C VAL A 5 -17.50 7.45 -11.73
N GLU A 6 -18.22 8.52 -11.44
CA GLU A 6 -17.58 9.73 -10.97
C GLU A 6 -17.46 9.65 -9.46
N GLY A 7 -16.54 8.79 -9.03
CA GLY A 7 -16.34 8.49 -7.63
C GLY A 7 -15.57 9.57 -6.90
N VAL A 8 -16.31 10.43 -6.23
CA VAL A 8 -15.71 11.45 -5.38
C VAL A 8 -15.11 10.78 -4.15
N GLY A 9 -13.87 11.13 -3.83
CA GLY A 9 -13.20 10.58 -2.66
C GLY A 9 -12.21 9.47 -2.94
N ALA A 10 -12.10 9.06 -4.21
CA ALA A 10 -11.11 8.08 -4.58
C ALA A 10 -9.71 8.60 -4.23
N ARG A 11 -8.87 7.71 -3.71
CA ARG A 11 -7.48 8.02 -3.43
C ARG A 11 -6.64 7.65 -4.64
N VAL A 12 -5.95 8.65 -5.18
CA VAL A 12 -5.23 8.53 -6.44
C VAL A 12 -3.76 8.90 -6.36
N VAL A 13 -3.02 8.44 -7.36
CA VAL A 13 -1.63 8.81 -7.59
C VAL A 13 -1.48 9.21 -9.06
N ARG A 14 -0.29 9.66 -9.46
CA ARG A 14 -0.09 10.10 -10.85
C ARG A 14 -0.30 8.96 -11.84
N GLY A 15 -0.85 9.33 -13.00
CA GLY A 15 -1.16 8.38 -14.06
C GLY A 15 -0.13 8.39 -15.19
N PRO A 16 -0.38 7.58 -16.22
CA PRO A 16 0.58 7.32 -17.31
C PRO A 16 0.87 8.52 -18.23
N ASP A 17 -0.06 9.46 -18.31
CA ASP A 17 0.12 10.65 -19.15
C ASP A 17 0.50 11.86 -18.31
N TRP A 18 1.02 11.60 -17.12
CA TRP A 18 1.42 12.66 -16.20
C TRP A 18 2.60 13.43 -16.78
N LYS A 19 2.51 14.75 -16.78
CA LYS A 19 3.57 15.60 -17.31
C LYS A 19 3.68 16.90 -16.50
N TRP A 20 3.38 16.81 -15.20
CA TRP A 20 3.22 18.00 -14.37
C TRP A 20 4.26 18.07 -13.25
N GLY A 21 5.45 17.54 -13.53
CA GLY A 21 6.55 17.61 -12.58
C GLY A 21 6.22 16.97 -11.24
N LYS A 22 6.48 17.73 -10.17
CA LYS A 22 6.34 17.22 -8.80
C LYS A 22 5.11 17.83 -8.11
N GLN A 23 4.09 18.15 -8.90
CA GLN A 23 2.88 18.76 -8.37
C GLN A 23 2.21 17.88 -7.31
N ASP A 24 2.26 16.56 -7.52
CA ASP A 24 1.68 15.61 -6.58
C ASP A 24 2.59 15.37 -5.37
N GLY A 25 3.79 15.94 -5.43
CA GLY A 25 4.79 15.74 -4.39
C GLY A 25 5.75 14.63 -4.75
N GLY A 26 5.54 14.02 -5.91
CA GLY A 26 6.37 12.93 -6.39
C GLY A 26 5.58 11.68 -6.70
N GLU A 27 6.20 10.75 -7.45
CA GLU A 27 5.55 9.50 -7.80
C GLU A 27 5.22 8.67 -6.56
N GLY A 28 3.98 8.21 -6.48
CA GLY A 28 3.53 7.42 -5.35
C GLY A 28 2.90 8.27 -4.26
N HIS A 29 2.99 9.59 -4.41
CA HIS A 29 2.33 10.48 -3.45
C HIS A 29 0.84 10.51 -3.76
N VAL A 30 0.03 10.56 -2.71
CA VAL A 30 -1.40 10.31 -2.83
C VAL A 30 -2.22 11.58 -2.73
N GLY A 31 -3.36 11.59 -3.40
CA GLY A 31 -4.29 12.69 -3.35
C GLY A 31 -5.72 12.18 -3.29
N THR A 32 -6.64 13.10 -3.07
CA THR A 32 -8.06 12.80 -2.96
C THR A 32 -8.82 13.46 -4.11
N VAL A 33 -9.67 12.69 -4.77
CA VAL A 33 -10.57 13.26 -5.78
C VAL A 33 -11.66 14.07 -5.10
N ARG A 34 -11.63 15.38 -5.29
CA ARG A 34 -12.55 16.29 -4.61
C ARG A 34 -13.86 16.43 -5.36
N SER A 35 -13.78 16.55 -6.67
CA SER A 35 -14.96 16.68 -7.50
C SER A 35 -14.62 16.50 -8.97
N PHE A 36 -15.65 16.36 -9.79
CA PHE A 36 -15.49 16.36 -11.24
C PHE A 36 -16.07 17.64 -11.82
N GLU A 37 -15.26 18.39 -12.56
CA GLU A 37 -15.75 19.54 -13.30
C GLU A 37 -16.57 19.08 -14.50
N SER A 38 -16.20 17.93 -15.05
CA SER A 38 -16.84 17.39 -16.23
C SER A 38 -16.48 15.91 -16.33
N PRO A 39 -16.92 15.22 -17.40
CA PRO A 39 -16.50 13.82 -17.49
C PRO A 39 -15.09 13.68 -18.06
N GLU A 40 -14.38 14.81 -18.22
CA GLU A 40 -13.03 14.82 -18.78
C GLU A 40 -12.02 15.46 -17.85
N GLU A 41 -12.50 16.14 -16.81
CA GLU A 41 -11.65 16.93 -15.93
C GLU A 41 -12.00 16.68 -14.47
N VAL A 42 -10.97 16.34 -13.68
CA VAL A 42 -11.18 16.07 -12.27
C VAL A 42 -10.32 16.99 -11.39
N VAL A 43 -10.87 17.37 -10.24
CA VAL A 43 -10.12 18.16 -9.28
C VAL A 43 -9.54 17.26 -8.20
N VAL A 44 -8.23 17.34 -8.01
CA VAL A 44 -7.54 16.58 -6.98
C VAL A 44 -6.91 17.52 -5.95
N VAL A 45 -7.13 17.21 -4.67
CA VAL A 45 -6.38 17.83 -3.58
C VAL A 45 -5.34 16.84 -3.09
N TRP A 46 -4.08 17.12 -3.40
CA TRP A 46 -2.99 16.25 -2.99
C TRP A 46 -2.78 16.36 -1.49
N ASP A 47 -2.24 15.31 -0.91
CA ASP A 47 -2.03 15.27 0.53
C ASP A 47 -1.07 16.38 0.99
N ASN A 48 -0.23 16.87 0.09
CA ASN A 48 0.66 17.99 0.40
C ASN A 48 -0.05 19.35 0.34
N GLY A 49 -1.34 19.35 0.03
CA GLY A 49 -2.14 20.56 0.10
C GLY A 49 -2.45 21.20 -1.24
N THR A 50 -1.67 20.88 -2.26
CA THR A 50 -1.89 21.43 -3.59
C THR A 50 -3.17 20.91 -4.22
N ALA A 51 -4.04 21.83 -4.63
CA ALA A 51 -5.23 21.50 -5.39
C ALA A 51 -4.96 21.75 -6.86
N ALA A 52 -5.41 20.84 -7.72
CA ALA A 52 -5.20 21.00 -9.14
C ALA A 52 -6.21 20.22 -9.95
N ASN A 53 -6.39 20.63 -11.21
CA ASN A 53 -7.28 19.94 -12.13
C ASN A 53 -6.47 19.03 -13.06
N TYR A 54 -7.05 17.88 -13.41
CA TYR A 54 -6.34 16.92 -14.24
C TYR A 54 -7.25 16.24 -15.27
N ARG A 55 -6.61 15.73 -16.32
CA ARG A 55 -7.27 15.05 -17.43
C ARG A 55 -7.61 13.62 -17.07
N CYS A 56 -8.87 13.23 -17.31
CA CYS A 56 -9.31 11.87 -17.07
C CYS A 56 -10.07 11.31 -18.29
N SER A 57 -9.59 11.68 -19.47
CA SER A 57 -10.14 11.19 -20.74
C SER A 57 -9.05 11.29 -21.81
N GLY A 58 -9.08 10.36 -22.77
CA GLY A 58 -8.04 10.32 -23.78
C GLY A 58 -6.69 10.36 -23.10
N ALA A 59 -6.42 11.47 -22.42
CA ALA A 59 -5.25 11.59 -21.56
C ALA A 59 -5.66 11.27 -20.13
N TYR A 60 -4.80 10.55 -19.41
CA TYR A 60 -5.10 10.12 -18.06
C TYR A 60 -3.96 10.47 -17.12
N ASP A 61 -4.18 11.49 -16.31
CA ASP A 61 -3.16 12.00 -15.39
C ASP A 61 -3.12 11.23 -14.07
N LEU A 62 -4.08 10.34 -13.86
CA LEU A 62 -4.25 9.72 -12.54
C LEU A 62 -4.50 8.21 -12.61
N ARG A 63 -4.00 7.51 -11.59
CA ARG A 63 -4.37 6.13 -11.32
C ARG A 63 -5.10 6.05 -10.00
N ILE A 64 -6.02 5.10 -9.88
CA ILE A 64 -6.74 4.91 -8.64
C ILE A 64 -5.94 3.99 -7.72
N LEU A 65 -5.57 4.51 -6.55
CA LEU A 65 -4.88 3.73 -5.55
C LEU A 65 -5.91 3.00 -4.69
N ASP A 66 -6.93 3.73 -4.25
CA ASP A 66 -8.01 3.12 -3.47
C ASP A 66 -9.33 3.83 -3.70
N SER A 67 -10.31 3.11 -4.25
CA SER A 67 -11.63 3.69 -4.50
C SER A 67 -12.58 3.43 -3.34
N ALA A 68 -12.12 2.68 -2.35
CA ALA A 68 -12.99 2.25 -1.26
C ALA A 68 -13.63 3.41 -0.50
N PRO A 69 -12.95 4.56 -0.43
CA PRO A 69 -13.61 5.68 0.26
C PRO A 69 -14.87 6.17 -0.46
N THR A 70 -15.02 5.83 -1.73
CA THR A 70 -16.20 6.22 -2.49
C THR A 70 -17.41 5.36 -2.13
N GLY A 71 -17.17 4.24 -1.47
CA GLY A 71 -18.23 3.33 -1.10
C GLY A 71 -18.57 2.31 -2.19
N ILE A 72 -17.98 2.46 -3.37
CA ILE A 72 -18.23 1.51 -4.45
C ILE A 72 -17.91 0.10 -3.97
N LYS A 73 -18.80 -0.84 -4.26
CA LYS A 73 -18.61 -2.19 -3.76
C LYS A 73 -19.13 -3.24 -4.74
N HIS A 74 -18.77 -4.48 -4.49
CA HIS A 74 -19.11 -5.61 -5.34
C HIS A 74 -19.93 -6.60 -4.54
N ASP A 75 -21.21 -6.30 -4.37
CA ASP A 75 -22.13 -7.22 -3.72
C ASP A 75 -22.07 -8.58 -4.37
N GLY A 76 -22.01 -9.60 -3.54
CA GLY A 76 -21.95 -10.97 -4.01
C GLY A 76 -20.53 -11.48 -4.07
N THR A 77 -19.59 -10.71 -3.51
CA THR A 77 -18.19 -11.15 -3.40
C THR A 77 -17.69 -11.07 -1.97
N MET A 78 -16.59 -11.77 -1.73
CA MET A 78 -15.88 -11.75 -0.46
C MET A 78 -14.39 -11.85 -0.73
N CYS A 79 -13.57 -11.08 -0.01
CA CYS A 79 -12.12 -11.27 -0.07
C CYS A 79 -11.73 -12.50 0.71
N ASP A 80 -11.09 -13.45 0.03
CA ASP A 80 -10.83 -14.73 0.65
C ASP A 80 -9.67 -14.73 1.64
N THR A 81 -9.00 -13.59 1.80
CA THR A 81 -7.94 -13.51 2.79
C THR A 81 -8.44 -12.84 4.07
N CYS A 82 -8.95 -11.61 3.95
CA CYS A 82 -9.39 -10.86 5.13
C CYS A 82 -10.89 -10.99 5.41
N ARG A 83 -11.63 -11.55 4.45
CA ARG A 83 -13.06 -11.84 4.59
C ARG A 83 -13.96 -10.59 4.52
N GLN A 84 -13.42 -9.45 4.08
CA GLN A 84 -14.27 -8.32 3.74
C GLN A 84 -15.38 -8.79 2.81
N GLN A 85 -16.61 -8.40 3.12
CA GLN A 85 -17.77 -8.86 2.40
C GLN A 85 -18.90 -7.85 2.53
N PRO A 86 -19.29 -7.19 1.42
CA PRO A 86 -18.76 -7.29 0.05
C PRO A 86 -17.38 -6.66 -0.07
N ILE A 87 -16.65 -6.99 -1.13
CA ILE A 87 -15.42 -6.26 -1.40
C ILE A 87 -15.78 -4.83 -1.70
N ILE A 88 -15.12 -3.91 -1.01
CA ILE A 88 -15.32 -2.48 -1.22
C ILE A 88 -14.10 -1.94 -1.94
N GLY A 89 -14.34 -1.16 -3.00
CA GLY A 89 -13.27 -0.69 -3.84
C GLY A 89 -13.06 -1.61 -5.03
N ILE A 90 -11.85 -1.62 -5.57
CA ILE A 90 -11.50 -2.45 -6.73
C ILE A 90 -11.55 -3.91 -6.35
N ARG A 91 -12.05 -4.75 -7.26
CA ARG A 91 -12.08 -6.19 -7.04
C ARG A 91 -10.92 -6.83 -7.80
N TRP A 92 -10.24 -7.78 -7.14
CA TRP A 92 -9.11 -8.45 -7.76
C TRP A 92 -9.38 -9.96 -7.74
N LYS A 93 -9.62 -10.55 -8.90
CA LYS A 93 -10.01 -11.95 -8.98
C LYS A 93 -8.83 -12.78 -9.47
N CYS A 94 -8.43 -13.83 -8.74
CA CYS A 94 -7.34 -14.66 -9.23
C CYS A 94 -7.78 -15.44 -10.44
N ALA A 95 -7.02 -15.32 -11.52
CA ALA A 95 -7.37 -15.97 -12.77
C ALA A 95 -6.97 -17.43 -12.77
N GLU A 96 -6.04 -17.80 -11.88
CA GLU A 96 -5.44 -19.13 -11.93
C GLU A 96 -6.04 -20.07 -10.90
N CYS A 97 -6.96 -19.55 -10.09
CA CYS A 97 -7.68 -20.33 -9.11
C CYS A 97 -9.18 -20.30 -9.36
N THR A 98 -9.86 -21.32 -8.86
CA THR A 98 -11.32 -21.39 -8.84
C THR A 98 -11.89 -20.47 -7.77
N ASN A 99 -12.65 -19.47 -8.22
CA ASN A 99 -13.51 -18.69 -7.33
C ASN A 99 -12.76 -18.07 -6.16
N TYR A 100 -11.74 -17.28 -6.49
CA TYR A 100 -10.88 -16.68 -5.49
C TYR A 100 -10.70 -15.18 -5.80
N ASP A 101 -10.93 -14.35 -4.79
CA ASP A 101 -10.85 -12.89 -4.93
C ASP A 101 -10.14 -12.24 -3.76
N LEU A 102 -9.60 -11.06 -4.02
CA LEU A 102 -8.98 -10.24 -2.99
C LEU A 102 -9.48 -8.81 -3.04
N CYS A 103 -9.49 -8.15 -1.88
CA CYS A 103 -9.69 -6.72 -1.83
C CYS A 103 -8.38 -6.01 -2.17
N THR A 104 -8.42 -4.69 -2.25
CA THR A 104 -7.25 -3.92 -2.68
C THR A 104 -6.11 -3.99 -1.66
N VAL A 105 -6.48 -4.03 -0.37
CA VAL A 105 -5.49 -4.11 0.70
C VAL A 105 -4.76 -5.44 0.64
N CYS A 106 -5.50 -6.53 0.45
CA CYS A 106 -4.86 -7.83 0.40
C CYS A 106 -4.07 -8.01 -0.89
N TYR A 107 -4.54 -7.41 -1.97
CA TYR A 107 -3.87 -7.53 -3.26
C TYR A 107 -2.54 -6.82 -3.22
N HIS A 108 -2.56 -5.52 -2.95
CA HIS A 108 -1.33 -4.76 -2.88
C HIS A 108 -0.49 -5.23 -1.68
N GLY A 109 -1.15 -5.89 -0.73
CA GLY A 109 -0.51 -6.34 0.49
C GLY A 109 0.13 -7.71 0.33
N ASP A 110 0.20 -8.18 -0.92
CA ASP A 110 0.90 -9.41 -1.28
C ASP A 110 0.33 -10.70 -0.68
N LYS A 111 -0.99 -10.75 -0.48
CA LYS A 111 -1.65 -11.97 -0.03
C LYS A 111 -1.89 -12.91 -1.21
N HIS A 112 -2.18 -14.18 -0.90
CA HIS A 112 -2.32 -15.21 -1.92
C HIS A 112 -0.96 -15.36 -2.64
N HIS A 113 -0.94 -15.97 -3.82
CA HIS A 113 0.30 -16.24 -4.55
C HIS A 113 0.69 -15.08 -5.45
N LEU A 114 1.93 -14.62 -5.32
CA LEU A 114 2.41 -13.50 -6.12
C LEU A 114 2.65 -13.90 -7.58
N ARG A 115 2.81 -15.21 -7.82
CA ARG A 115 3.00 -15.69 -9.18
C ARG A 115 1.68 -16.01 -9.91
N HIS A 116 0.57 -16.01 -9.18
CA HIS A 116 -0.76 -16.16 -9.79
C HIS A 116 -1.20 -14.84 -10.39
N ARG A 117 -1.52 -14.83 -11.68
CA ARG A 117 -2.02 -13.63 -12.33
C ARG A 117 -3.48 -13.34 -11.98
N PHE A 118 -3.75 -12.08 -11.66
CA PHE A 118 -5.10 -11.64 -11.32
C PHE A 118 -5.80 -10.87 -12.45
N TYR A 119 -7.12 -10.85 -12.36
CA TYR A 119 -7.98 -9.94 -13.09
C TYR A 119 -8.25 -8.73 -12.22
N ARG A 120 -8.13 -7.54 -12.82
CA ARG A 120 -8.65 -6.32 -12.20
C ARG A 120 -10.10 -6.13 -12.62
N ILE A 121 -10.96 -5.88 -11.65
CA ILE A 121 -12.37 -5.58 -11.91
C ILE A 121 -12.67 -4.30 -11.12
N THR A 122 -12.49 -3.18 -11.81
CA THR A 122 -12.47 -1.89 -11.13
C THR A 122 -13.86 -1.55 -10.59
N THR A 123 -14.88 -1.81 -11.40
CA THR A 123 -16.26 -1.53 -11.01
C THR A 123 -17.12 -2.75 -11.31
N PRO A 124 -18.30 -2.82 -10.68
CA PRO A 124 -19.24 -3.90 -11.02
C PRO A 124 -19.51 -4.00 -12.52
N GLY A 125 -19.45 -2.88 -13.22
CA GLY A 125 -19.71 -2.87 -14.65
C GLY A 125 -18.50 -3.16 -15.51
N SER A 126 -17.32 -3.29 -14.90
CA SER A 126 -16.10 -3.42 -15.69
C SER A 126 -15.96 -4.81 -16.29
N GLU A 127 -15.35 -4.88 -17.47
CA GLU A 127 -14.89 -6.15 -18.00
C GLU A 127 -13.60 -6.49 -17.27
N ARG A 128 -13.41 -7.76 -16.92
CA ARG A 128 -12.21 -8.16 -16.19
C ARG A 128 -10.97 -8.06 -17.08
N VAL A 129 -9.89 -7.52 -16.51
CA VAL A 129 -8.64 -7.28 -17.23
C VAL A 129 -7.50 -8.13 -16.65
N LEU A 130 -7.00 -9.09 -17.43
CA LEU A 130 -5.91 -9.94 -16.98
C LEU A 130 -4.60 -9.15 -16.83
N LEU A 131 -3.94 -9.31 -15.69
CA LEU A 131 -2.71 -8.59 -15.37
C LEU A 131 -1.48 -9.49 -15.38
N GLU A 132 -0.30 -8.89 -15.36
CA GLU A 132 0.94 -9.64 -15.11
C GLU A 132 0.96 -10.08 -13.66
N SER A 133 1.79 -11.07 -13.36
CA SER A 133 1.92 -11.50 -11.98
C SER A 133 2.50 -10.34 -11.18
N ARG A 134 2.11 -10.28 -9.90
CA ARG A 134 2.70 -9.32 -8.98
C ARG A 134 4.18 -9.60 -8.81
N ARG A 135 4.59 -10.86 -8.84
CA ARG A 135 5.97 -11.20 -8.65
C ARG A 135 6.87 -10.63 -9.71
N LYS A 136 6.33 -10.36 -10.87
CA LYS A 136 7.12 -9.81 -11.93
C LYS A 136 6.91 -8.31 -12.15
N SER A 137 6.07 -7.69 -11.34
CA SER A 137 5.65 -6.31 -11.58
C SER A 137 6.31 -5.33 -10.61
N LYS A 138 6.34 -4.06 -11.00
CA LYS A 138 6.98 -3.01 -10.20
C LYS A 138 6.08 -2.59 -9.04
N LYS A 139 6.66 -2.57 -7.84
CA LYS A 139 5.96 -2.17 -6.64
C LYS A 139 6.60 -0.92 -6.07
N ILE A 140 5.80 0.10 -5.77
CA ILE A 140 6.33 1.31 -5.15
C ILE A 140 5.59 1.59 -3.85
N THR A 141 6.02 2.61 -3.12
CA THR A 141 5.45 2.91 -1.82
C THR A 141 4.61 4.17 -1.92
N ALA A 142 3.45 4.13 -1.30
CA ALA A 142 2.55 5.27 -1.28
C ALA A 142 3.05 6.26 -0.24
N ARG A 143 2.87 7.56 -0.48
CA ARG A 143 3.31 8.58 0.48
C ARG A 143 2.27 9.69 0.64
N GLY A 144 2.10 10.14 1.89
CA GLY A 144 1.15 11.19 2.19
C GLY A 144 0.57 11.05 3.58
N ILE A 145 -0.75 11.21 3.68
CA ILE A 145 -1.43 11.14 4.95
C ILE A 145 -1.65 9.67 5.33
N PHE A 146 -0.68 9.16 6.08
CA PHE A 146 -0.71 7.80 6.61
C PHE A 146 -0.14 7.85 8.01
N ALA A 147 -0.24 6.74 8.73
CA ALA A 147 0.25 6.67 10.11
C ALA A 147 1.67 7.23 10.22
N GLY A 148 1.86 8.19 11.13
CA GLY A 148 3.16 8.78 11.33
C GLY A 148 3.32 10.12 10.65
N ALA A 149 2.45 10.42 9.68
CA ALA A 149 2.52 11.69 8.96
C ALA A 149 2.34 12.87 9.91
N ARG A 150 3.05 13.95 9.62
CA ARG A 150 2.87 15.20 10.34
C ARG A 150 1.97 16.10 9.52
N VAL A 151 0.86 16.54 10.13
CA VAL A 151 -0.19 17.25 9.42
C VAL A 151 -0.64 18.58 10.05
N VAL A 152 -1.19 19.44 9.20
CA VAL A 152 -1.91 20.63 9.62
C VAL A 152 -3.32 20.53 9.02
N ARG A 153 -4.19 21.48 9.34
CA ARG A 153 -5.55 21.42 8.84
C ARG A 153 -5.54 21.65 7.33
N GLY A 154 -6.48 21.01 6.65
CA GLY A 154 -6.60 21.11 5.21
C GLY A 154 -7.72 22.02 4.77
N VAL A 155 -7.92 22.10 3.46
CA VAL A 155 -8.85 23.06 2.86
C VAL A 155 -10.30 22.93 3.33
N ASP A 156 -10.72 21.71 3.65
CA ASP A 156 -12.11 21.46 4.01
C ASP A 156 -12.36 21.46 5.50
N TRP A 157 -11.34 21.84 6.28
CA TRP A 157 -11.45 21.91 7.72
C TRP A 157 -12.72 22.67 8.10
N GLN A 158 -13.47 22.11 9.04
CA GLN A 158 -14.65 22.77 9.58
C GLN A 158 -14.83 22.36 11.05
N TRP A 159 -13.71 22.27 11.76
CA TRP A 159 -13.69 21.72 13.12
C TRP A 159 -13.16 22.74 14.14
N GLU A 160 -13.47 24.01 13.91
CA GLU A 160 -13.12 25.07 14.85
C GLU A 160 -11.59 25.19 15.02
N ASP A 161 -11.12 25.18 16.26
CA ASP A 161 -9.68 25.18 16.54
C ASP A 161 -9.30 23.90 17.29
N GLN A 162 -9.83 22.77 16.84
CA GLN A 162 -9.54 21.49 17.47
C GLN A 162 -8.04 21.16 17.42
N ASP A 163 -7.35 21.72 16.43
CA ASP A 163 -5.91 21.52 16.27
C ASP A 163 -5.09 22.50 17.10
N GLY A 164 -5.79 23.42 17.76
CA GLY A 164 -5.14 24.48 18.53
C GLY A 164 -4.92 25.73 17.68
N GLY A 165 -5.37 25.69 16.43
CA GLY A 165 -5.30 26.84 15.55
C GLY A 165 -4.65 26.53 14.21
N ASN A 166 -5.06 27.28 13.19
CA ASN A 166 -4.53 27.13 11.84
C ASN A 166 -3.01 27.13 11.81
N GLY A 167 -2.44 26.02 11.37
CA GLY A 167 -1.00 25.89 11.26
C GLY A 167 -0.40 25.09 12.41
N ARG A 168 -1.17 24.86 13.46
CA ARG A 168 -0.73 23.98 14.54
C ARG A 168 -0.68 22.56 14.02
N ARG A 169 0.24 21.77 14.55
CA ARG A 169 0.57 20.49 13.96
C ARG A 169 0.09 19.30 14.80
N GLY A 170 0.05 18.13 14.17
CA GLY A 170 -0.35 16.90 14.82
C GLY A 170 0.19 15.71 14.06
N LYS A 171 0.05 14.52 14.64
CA LYS A 171 0.51 13.29 13.99
C LYS A 171 -0.63 12.33 13.72
N VAL A 172 -0.69 11.85 12.48
CA VAL A 172 -1.62 10.80 12.13
C VAL A 172 -1.19 9.51 12.81
N THR A 173 -2.09 8.89 13.57
CA THR A 173 -1.78 7.62 14.24
C THR A 173 -2.25 6.44 13.41
N GLU A 174 -3.35 6.65 12.68
CA GLU A 174 -4.06 5.55 12.04
C GLU A 174 -5.05 6.07 10.99
N ILE A 175 -5.08 5.39 9.85
CA ILE A 175 -6.13 5.60 8.86
C ILE A 175 -7.32 4.71 9.23
N GLN A 176 -8.50 5.31 9.30
CA GLN A 176 -9.69 4.58 9.68
C GLN A 176 -10.84 4.83 8.70
N ASP A 177 -11.97 4.17 8.96
CA ASP A 177 -13.20 4.37 8.22
C ASP A 177 -14.05 5.45 8.87
N TRP A 178 -14.36 6.50 8.12
CA TRP A 178 -15.25 7.55 8.61
C TRP A 178 -16.63 6.96 8.90
N SER A 179 -17.07 6.06 8.02
CA SER A 179 -18.29 5.31 8.21
C SER A 179 -18.10 3.88 7.70
N ALA A 180 -19.03 3.00 8.04
CA ALA A 180 -18.93 1.61 7.62
C ALA A 180 -18.97 1.48 6.09
N SER A 181 -19.67 2.37 5.42
CA SER A 181 -19.82 2.28 3.97
C SER A 181 -18.68 2.99 3.23
N SER A 182 -17.76 3.61 3.97
CA SER A 182 -16.67 4.37 3.37
C SER A 182 -15.34 4.12 4.07
N PRO A 183 -14.74 2.96 3.83
CA PRO A 183 -13.51 2.63 4.56
C PRO A 183 -12.30 3.44 4.10
N HIS A 184 -11.27 3.48 4.95
CA HIS A 184 -9.97 4.04 4.59
C HIS A 184 -10.06 5.50 4.21
N SER A 185 -11.05 6.17 4.78
CA SER A 185 -11.45 7.49 4.34
C SER A 185 -11.21 8.54 5.41
N ALA A 186 -10.64 8.13 6.53
CA ALA A 186 -10.40 9.03 7.65
C ALA A 186 -9.03 8.84 8.25
N ALA A 187 -8.57 9.86 8.98
CA ALA A 187 -7.31 9.78 9.70
C ALA A 187 -7.48 10.27 11.13
N TYR A 188 -7.03 9.46 12.07
CA TYR A 188 -7.07 9.85 13.48
C TYR A 188 -5.79 10.62 13.80
N VAL A 189 -5.97 11.82 14.34
CA VAL A 189 -4.86 12.72 14.63
C VAL A 189 -4.71 12.99 16.12
N LEU A 190 -3.46 12.86 16.58
CA LEU A 190 -3.02 13.35 17.89
C LEU A 190 -2.36 14.70 17.71
N TRP A 191 -3.05 15.77 18.09
CA TRP A 191 -2.51 17.11 17.95
C TRP A 191 -1.38 17.33 18.95
N ASP A 192 -0.40 18.13 18.56
CA ASP A 192 0.77 18.36 19.40
C ASP A 192 0.41 19.01 20.72
N ASN A 193 -0.73 19.70 20.76
CA ASN A 193 -1.18 20.35 22.00
C ASN A 193 -2.02 19.41 22.86
N GLY A 194 -2.08 18.14 22.48
CA GLY A 194 -2.73 17.13 23.29
C GLY A 194 -4.15 16.82 22.88
N ALA A 195 -4.74 17.69 22.08
CA ALA A 195 -6.07 17.42 21.54
C ALA A 195 -5.95 16.23 20.59
N LYS A 196 -7.09 15.68 20.18
CA LYS A 196 -7.10 14.54 19.28
C LYS A 196 -8.48 14.29 18.72
N ASN A 197 -8.54 13.69 17.54
CA ASN A 197 -9.83 13.40 16.90
C ASN A 197 -9.67 12.72 15.55
N LEU A 198 -10.80 12.43 14.93
CA LEU A 198 -10.86 11.78 13.62
C LEU A 198 -11.21 12.80 12.56
N TYR A 199 -10.46 12.82 11.46
CA TYR A 199 -10.70 13.79 10.39
C TYR A 199 -10.85 13.13 9.02
N ARG A 200 -11.58 13.80 8.14
CA ARG A 200 -11.89 13.28 6.82
C ARG A 200 -10.68 13.34 5.92
N VAL A 201 -10.30 12.18 5.39
CA VAL A 201 -9.26 12.08 4.39
C VAL A 201 -9.78 11.22 3.26
N GLY A 202 -10.67 11.80 2.44
CA GLY A 202 -11.24 11.08 1.31
C GLY A 202 -12.74 10.94 1.39
N PHE A 203 -13.29 10.97 2.61
CA PHE A 203 -14.72 10.85 2.78
C PHE A 203 -15.42 12.00 2.07
N GLU A 204 -16.31 11.64 1.15
CA GLU A 204 -17.09 12.56 0.34
C GLU A 204 -16.19 13.57 -0.37
N GLY A 205 -14.97 13.14 -0.65
CA GLY A 205 -14.03 13.96 -1.38
C GLY A 205 -13.45 15.09 -0.55
N MET A 206 -13.58 14.96 0.77
CA MET A 206 -13.11 16.01 1.68
C MET A 206 -11.64 15.82 2.05
N SER A 207 -10.95 16.95 2.21
CA SER A 207 -9.57 16.98 2.64
C SER A 207 -9.41 17.84 3.90
N ASP A 208 -9.64 17.26 5.07
CA ASP A 208 -9.52 17.99 6.33
C ASP A 208 -8.07 18.23 6.75
N LEU A 209 -7.14 17.51 6.11
CA LEU A 209 -5.75 17.53 6.52
C LEU A 209 -4.79 17.76 5.36
N LYS A 210 -3.63 18.27 5.71
CA LYS A 210 -2.55 18.50 4.77
C LYS A 210 -1.28 18.17 5.51
N CYS A 211 -0.46 17.27 4.96
CA CYS A 211 0.73 16.87 5.68
C CYS A 211 1.84 17.87 5.40
N VAL A 212 2.56 18.23 6.46
CA VAL A 212 3.80 18.97 6.33
C VAL A 212 4.96 17.99 6.30
N GLN A 213 4.74 16.79 6.81
CA GLN A 213 5.68 15.70 6.61
C GLN A 213 4.94 14.42 6.24
N ASP A 214 5.01 14.04 4.97
CA ASP A 214 4.29 12.87 4.50
C ASP A 214 4.92 11.62 5.10
N ALA A 215 4.15 10.55 5.14
CA ALA A 215 4.59 9.27 5.67
C ALA A 215 4.29 8.16 4.69
N LYS A 216 4.96 7.03 4.85
CA LYS A 216 4.75 5.89 3.98
C LYS A 216 3.45 5.18 4.34
N GLY A 217 2.67 4.86 3.32
CA GLY A 217 1.37 4.21 3.49
C GLY A 217 1.33 2.81 2.92
N GLY A 218 2.47 2.14 2.89
CA GLY A 218 2.49 0.80 2.33
C GLY A 218 2.48 0.81 0.83
N SER A 219 2.90 -0.31 0.25
CA SER A 219 3.29 -0.35 -1.14
C SER A 219 2.20 -0.89 -2.06
N PHE A 220 2.37 -0.64 -3.35
CA PHE A 220 1.37 -1.03 -4.32
C PHE A 220 1.96 -1.19 -5.71
N TYR A 221 1.27 -2.00 -6.51
CA TYR A 221 1.65 -2.29 -7.87
C TYR A 221 1.07 -1.21 -8.78
N ARG A 222 1.93 -0.26 -9.12
CA ARG A 222 1.53 0.96 -9.82
C ARG A 222 0.84 0.70 -11.15
N ASP A 223 1.42 -0.17 -11.96
CA ASP A 223 0.90 -0.42 -13.31
C ASP A 223 -0.34 -1.32 -13.28
N HIS A 224 -0.71 -1.79 -12.10
CA HIS A 224 -1.91 -2.60 -11.93
C HIS A 224 -3.08 -1.74 -11.46
N CYS A 225 -2.79 -0.50 -11.08
CA CYS A 225 -3.85 0.43 -10.71
C CYS A 225 -4.56 0.88 -11.97
N PRO A 226 -5.90 0.88 -11.94
CA PRO A 226 -6.57 1.39 -13.13
C PRO A 226 -6.36 2.90 -13.28
N VAL A 227 -6.35 3.40 -14.50
CA VAL A 227 -6.38 4.84 -14.70
C VAL A 227 -7.72 5.36 -14.24
N LEU A 228 -7.75 6.59 -13.75
CA LEU A 228 -9.02 7.22 -13.42
C LEU A 228 -9.63 7.74 -14.71
N GLY A 229 -10.85 7.28 -15.01
CA GLY A 229 -11.51 7.65 -16.25
C GLY A 229 -11.28 6.64 -17.35
N LEU A 245 11.64 -8.24 11.06
CA LEU A 245 10.42 -8.21 11.86
C LEU A 245 9.61 -9.49 11.65
N VAL A 246 8.29 -9.39 11.67
CA VAL A 246 7.43 -10.56 11.45
C VAL A 246 6.24 -10.23 10.55
N ASN A 247 5.87 -11.20 9.71
CA ASN A 247 4.65 -11.11 8.92
C ASN A 247 3.80 -12.35 9.15
N ILE A 248 2.54 -12.26 8.73
CA ILE A 248 1.61 -13.37 8.84
C ILE A 248 1.18 -13.77 7.43
N ASP A 249 1.40 -15.04 7.11
CA ASP A 249 1.10 -15.57 5.79
C ASP A 249 0.24 -16.82 5.94
N LEU A 250 -0.73 -16.73 6.85
CA LEU A 250 -1.59 -17.87 7.18
C LEU A 250 -3.05 -17.44 7.16
N ASP A 251 -3.93 -18.32 6.69
CA ASP A 251 -5.33 -17.98 6.48
C ASP A 251 -6.04 -17.68 7.81
N LEU A 252 -6.76 -16.57 7.83
CA LEU A 252 -7.36 -16.01 9.03
C LEU A 252 -8.04 -17.01 9.98
N GLU A 253 -8.75 -17.99 9.43
CA GLU A 253 -9.44 -18.99 10.25
C GLU A 253 -8.42 -19.77 11.07
N ILE A 254 -7.23 -19.92 10.50
CA ILE A 254 -6.10 -20.57 11.16
C ILE A 254 -5.63 -19.69 12.32
N VAL A 255 -5.33 -18.44 11.99
CA VAL A 255 -4.91 -17.43 12.96
C VAL A 255 -5.85 -17.35 14.15
N GLN A 256 -7.15 -17.26 13.88
CA GLN A 256 -8.16 -17.06 14.92
C GLN A 256 -8.18 -18.18 15.95
N SER A 257 -8.18 -19.43 15.48
CA SER A 257 -8.20 -20.57 16.38
C SER A 257 -6.83 -20.75 17.07
N LEU A 258 -5.74 -20.42 16.38
CA LEU A 258 -4.42 -20.40 17.03
C LEU A 258 -4.34 -19.35 18.13
N GLN A 259 -5.11 -18.27 17.97
CA GLN A 259 -5.09 -17.18 18.94
C GLN A 259 -5.86 -17.50 20.22
N HIS A 260 -6.59 -18.61 20.22
CA HIS A 260 -7.32 -19.02 21.42
C HIS A 260 -6.36 -19.35 22.55
N GLY A 261 -6.24 -18.43 23.50
CA GLY A 261 -5.36 -18.61 24.64
C GLY A 261 -3.99 -17.98 24.43
N HIS A 262 -3.91 -17.04 23.50
CA HIS A 262 -2.65 -16.37 23.18
C HIS A 262 -2.84 -14.89 22.84
N GLY A 263 -3.99 -14.35 23.26
CA GLY A 263 -4.32 -12.95 23.00
C GLY A 263 -5.65 -12.80 22.29
N GLY A 264 -6.09 -13.88 21.63
CA GLY A 264 -7.33 -13.85 20.88
C GLY A 264 -7.24 -12.96 19.66
N TRP A 265 -8.35 -12.84 18.94
CA TRP A 265 -8.44 -11.95 17.79
C TRP A 265 -9.45 -10.84 18.02
N THR A 266 -9.10 -9.65 17.55
CA THR A 266 -10.02 -8.51 17.51
C THR A 266 -9.87 -7.85 16.14
N ASP A 267 -10.89 -7.09 15.73
CA ASP A 267 -10.93 -6.56 14.37
C ASP A 267 -9.91 -5.44 14.13
N GLY A 268 -9.16 -5.08 15.18
CA GLY A 268 -8.10 -4.11 15.04
C GLY A 268 -6.80 -4.70 14.53
N MET A 269 -6.76 -6.03 14.42
CA MET A 269 -5.53 -6.75 14.09
C MET A 269 -5.36 -7.09 12.62
N PHE A 270 -6.32 -6.68 11.77
CA PHE A 270 -6.23 -7.04 10.37
C PHE A 270 -5.02 -6.40 9.70
N GLU A 271 -4.57 -5.28 10.26
CA GLU A 271 -3.32 -4.64 9.84
C GLU A 271 -2.20 -5.69 9.80
N THR A 272 -2.24 -6.62 10.74
CA THR A 272 -1.18 -7.59 10.90
C THR A 272 -1.11 -8.57 9.73
N LEU A 273 -2.19 -8.67 8.95
CA LEU A 273 -2.23 -9.67 7.88
C LEU A 273 -1.40 -9.24 6.66
N THR A 274 -1.19 -7.93 6.52
CA THR A 274 -0.55 -7.38 5.33
C THR A 274 0.54 -6.36 5.67
N THR A 275 0.80 -6.19 6.96
CA THR A 275 1.78 -5.20 7.43
C THR A 275 2.77 -5.84 8.37
N THR A 276 4.05 -5.64 8.10
CA THR A 276 5.12 -6.16 8.95
C THR A 276 5.12 -5.46 10.31
N GLY A 277 5.10 -6.25 11.39
CA GLY A 277 5.18 -5.75 12.75
C GLY A 277 6.46 -6.19 13.41
N THR A 278 6.82 -5.54 14.53
CA THR A 278 8.11 -5.80 15.18
C THR A 278 7.91 -6.33 16.61
N VAL A 279 8.71 -7.33 16.96
CA VAL A 279 8.63 -8.00 18.26
C VAL A 279 9.10 -7.09 19.39
N CYS A 280 8.15 -6.44 20.05
CA CYS A 280 8.47 -5.57 21.18
C CYS A 280 8.56 -6.36 22.48
N GLY A 281 8.22 -7.64 22.44
CA GLY A 281 8.39 -8.46 23.63
C GLY A 281 7.92 -9.89 23.58
N ILE A 282 8.17 -10.58 24.69
CA ILE A 282 7.88 -11.99 24.86
C ILE A 282 7.29 -12.17 26.26
N ASP A 283 6.01 -12.55 26.33
CA ASP A 283 5.33 -12.53 27.63
C ASP A 283 5.58 -13.80 28.45
N GLU A 284 4.93 -13.88 29.61
CA GLU A 284 5.13 -14.95 30.59
C GLU A 284 4.66 -16.33 30.09
N ASP A 285 3.62 -16.34 29.26
CA ASP A 285 3.08 -17.57 28.69
C ASP A 285 3.78 -17.94 27.38
N HIS A 286 4.94 -17.33 27.16
CA HIS A 286 5.78 -17.58 25.98
C HIS A 286 5.08 -17.20 24.67
N ASP A 287 4.11 -16.29 24.75
CA ASP A 287 3.48 -15.71 23.56
C ASP A 287 4.28 -14.48 23.14
N ILE A 288 4.07 -14.01 21.90
CA ILE A 288 4.86 -12.90 21.38
C ILE A 288 4.06 -11.61 21.27
N VAL A 289 4.64 -10.54 21.81
CA VAL A 289 4.09 -9.20 21.72
C VAL A 289 4.74 -8.50 20.52
N VAL A 290 3.91 -7.87 19.68
CA VAL A 290 4.36 -7.32 18.40
C VAL A 290 3.79 -5.91 18.18
N GLN A 291 4.65 -4.98 17.75
CA GLN A 291 4.24 -3.58 17.55
C GLN A 291 4.28 -3.23 16.07
N TYR A 292 3.25 -2.52 15.63
CA TYR A 292 3.13 -2.12 14.23
C TYR A 292 3.18 -0.59 14.13
N PRO A 293 3.56 -0.06 12.95
CA PRO A 293 3.69 1.40 12.76
C PRO A 293 2.42 2.20 13.11
N SER A 294 1.29 1.50 13.29
CA SER A 294 0.07 2.15 13.76
C SER A 294 0.28 2.71 15.17
N GLY A 295 1.11 2.03 15.94
CA GLY A 295 1.26 2.29 17.36
C GLY A 295 0.67 1.14 18.17
N ASN A 296 0.00 0.23 17.48
CA ASN A 296 -0.66 -0.90 18.12
C ASN A 296 0.31 -1.98 18.59
N ARG A 297 0.03 -2.55 19.75
CA ARG A 297 0.69 -3.76 20.23
C ARG A 297 -0.30 -4.92 20.11
N TRP A 298 0.19 -6.10 19.74
CA TRP A 298 -0.67 -7.29 19.64
C TRP A 298 0.08 -8.52 20.10
N THR A 299 -0.64 -9.49 20.67
CA THR A 299 -0.03 -10.69 21.23
C THR A 299 -0.46 -11.95 20.46
N PHE A 300 0.52 -12.79 20.12
CA PHE A 300 0.25 -13.99 19.31
C PHE A 300 0.86 -15.28 19.86
N ASN A 301 0.18 -16.37 19.55
CA ASN A 301 0.77 -17.70 19.54
C ASN A 301 1.94 -17.69 18.56
N PRO A 302 3.15 -18.07 19.00
CA PRO A 302 4.33 -18.03 18.12
C PRO A 302 4.14 -18.72 16.77
N ALA A 303 3.19 -19.66 16.72
CA ALA A 303 2.86 -20.36 15.48
C ALA A 303 2.35 -19.42 14.40
N VAL A 304 1.64 -18.37 14.82
CA VAL A 304 1.01 -17.46 13.87
C VAL A 304 2.05 -16.67 13.07
N LEU A 305 3.21 -16.43 13.68
CA LEU A 305 4.23 -15.54 13.10
C LEU A 305 5.29 -16.30 12.30
N THR A 306 5.80 -15.65 11.25
CA THR A 306 6.94 -16.12 10.48
C THR A 306 7.83 -14.94 10.12
N LYS A 307 9.13 -15.08 10.30
CA LYS A 307 10.09 -13.99 10.04
C LYS A 307 11.05 -14.31 8.89
N ALA A 308 11.65 -13.27 8.31
CA ALA A 308 12.63 -13.46 7.25
C ALA A 308 13.49 -12.21 6.98
N SER A 309 13.04 -11.38 6.04
CA SER A 309 13.82 -10.31 5.39
C SER A 309 15.21 -10.03 5.99
N GLN A 310 16.23 -10.50 5.30
CA GLN A 310 17.57 -10.59 5.87
C GLN A 310 18.34 -9.27 5.87
N PHE A 311 18.58 -8.71 4.68
CA PHE A 311 19.57 -7.65 4.50
C PHE A 311 19.20 -6.30 5.10
N GLN A 312 20.22 -5.47 5.27
CA GLN A 312 20.09 -4.10 5.76
C GLN A 312 20.75 -3.13 4.79
N VAL A 313 20.30 -1.89 4.78
CA VAL A 313 20.92 -0.85 3.97
C VAL A 313 22.38 -0.69 4.41
N GLY A 314 23.28 -0.65 3.44
CA GLY A 314 24.71 -0.54 3.71
C GLY A 314 25.41 -1.88 3.75
N ASP A 315 24.66 -2.98 3.77
CA ASP A 315 25.28 -4.30 3.71
C ASP A 315 26.08 -4.45 2.43
N LEU A 316 27.29 -4.98 2.54
CA LEU A 316 28.05 -5.33 1.36
C LEU A 316 27.69 -6.76 1.00
N VAL A 317 27.42 -7.00 -0.28
CA VAL A 317 27.00 -8.30 -0.75
C VAL A 317 27.74 -8.67 -2.03
N GLN A 318 27.89 -9.97 -2.26
CA GLN A 318 28.47 -10.47 -3.48
C GLN A 318 27.38 -11.03 -4.37
N VAL A 319 27.35 -10.53 -5.61
CA VAL A 319 26.45 -11.02 -6.63
C VAL A 319 26.81 -12.46 -6.96
N CYS A 320 25.78 -13.30 -7.00
CA CYS A 320 25.89 -14.69 -7.44
C CYS A 320 26.74 -14.81 -8.71
N TYR A 321 27.59 -15.84 -8.81
CA TYR A 321 28.40 -16.00 -10.02
C TYR A 321 28.03 -17.24 -10.81
N ASP A 322 26.93 -17.88 -10.44
CA ASP A 322 26.31 -18.92 -11.25
C ASP A 322 25.28 -18.29 -12.18
N LEU A 323 25.60 -18.22 -13.47
CA LEU A 323 24.77 -17.50 -14.44
C LEU A 323 23.40 -18.14 -14.64
N GLU A 324 23.35 -19.47 -14.68
CA GLU A 324 22.08 -20.18 -14.76
C GLU A 324 21.15 -19.76 -13.63
N ARG A 325 21.69 -19.79 -12.41
CA ARG A 325 20.86 -19.48 -11.27
C ARG A 325 20.48 -18.01 -11.24
N ILE A 326 21.42 -17.12 -11.55
CA ILE A 326 21.07 -15.70 -11.43
C ILE A 326 20.07 -15.32 -12.52
N LYS A 327 20.21 -15.90 -13.71
CA LYS A 327 19.18 -15.70 -14.74
C LYS A 327 17.83 -16.14 -14.23
N LEU A 328 17.77 -17.34 -13.67
CA LEU A 328 16.51 -17.84 -13.12
C LEU A 328 15.96 -16.89 -12.06
N LEU A 329 16.82 -16.45 -11.15
CA LEU A 329 16.40 -15.62 -10.05
C LEU A 329 15.91 -14.26 -10.54
N GLN A 330 16.62 -13.69 -11.50
CA GLN A 330 16.28 -12.36 -11.95
C GLN A 330 15.00 -12.40 -12.79
N ARG A 331 14.91 -13.37 -13.70
CA ARG A 331 13.73 -13.54 -14.51
C ARG A 331 12.50 -13.80 -13.66
N GLY A 332 12.63 -14.70 -12.69
CA GLY A 332 11.52 -15.04 -11.83
C GLY A 332 10.94 -13.81 -11.16
N HIS A 333 11.76 -12.78 -11.01
CA HIS A 333 11.35 -11.56 -10.33
C HIS A 333 11.17 -10.38 -11.29
N GLY A 334 11.29 -10.65 -12.59
CA GLY A 334 11.06 -9.65 -13.62
C GLY A 334 12.14 -8.58 -13.72
N GLU A 335 13.38 -8.95 -13.43
CA GLU A 335 14.47 -7.97 -13.33
C GLU A 335 15.76 -8.42 -14.03
N TRP A 336 15.67 -9.30 -15.03
CA TRP A 336 16.87 -9.74 -15.74
C TRP A 336 17.17 -8.85 -16.94
N ALA A 337 18.45 -8.54 -17.11
CA ALA A 337 18.94 -7.85 -18.30
C ALA A 337 20.37 -8.30 -18.58
N GLU A 338 20.68 -8.56 -19.84
CA GLU A 338 21.99 -9.08 -20.21
C GLU A 338 23.10 -8.13 -19.73
N ALA A 339 22.79 -6.84 -19.68
CA ALA A 339 23.74 -5.83 -19.22
C ALA A 339 24.25 -6.14 -17.80
N MET A 340 23.58 -7.02 -17.09
CA MET A 340 23.99 -7.36 -15.73
C MET A 340 25.16 -8.33 -15.70
N LEU A 341 25.56 -8.86 -16.85
CA LEU A 341 26.61 -9.89 -16.88
C LEU A 341 27.91 -9.51 -16.18
N PRO A 342 28.38 -8.26 -16.38
CA PRO A 342 29.63 -7.89 -15.71
C PRO A 342 29.52 -7.75 -14.19
N THR A 343 28.33 -7.92 -13.60
CA THR A 343 28.20 -7.79 -12.16
C THR A 343 28.38 -9.13 -11.44
N LEU A 344 28.38 -10.21 -12.20
CA LEU A 344 28.45 -11.55 -11.61
C LEU A 344 29.74 -11.69 -10.78
N GLY A 345 29.58 -12.09 -9.52
CA GLY A 345 30.71 -12.30 -8.63
C GLY A 345 31.26 -11.03 -8.00
N LYS A 346 30.77 -9.88 -8.44
CA LYS A 346 31.28 -8.61 -7.95
C LYS A 346 30.68 -8.28 -6.58
N VAL A 347 31.40 -7.48 -5.80
CA VAL A 347 30.90 -7.06 -4.50
C VAL A 347 30.30 -5.67 -4.65
N GLY A 348 29.16 -5.46 -4.00
CA GLY A 348 28.45 -4.21 -4.08
C GLY A 348 27.73 -3.86 -2.80
N ARG A 349 27.11 -2.69 -2.76
CA ARG A 349 26.47 -2.19 -1.54
C ARG A 349 24.95 -2.11 -1.67
N VAL A 350 24.24 -2.65 -0.69
CA VAL A 350 22.78 -2.53 -0.66
C VAL A 350 22.41 -1.07 -0.40
N GLN A 351 21.80 -0.45 -1.40
CA GLN A 351 21.39 0.94 -1.35
C GLN A 351 19.97 1.08 -0.80
N GLN A 352 19.13 0.10 -1.09
CA GLN A 352 17.73 0.14 -0.70
C GLN A 352 17.10 -1.25 -0.76
N ILE A 353 16.18 -1.51 0.17
CA ILE A 353 15.40 -2.74 0.19
C ILE A 353 13.98 -2.42 -0.23
N TYR A 354 13.64 -2.77 -1.46
CA TYR A 354 12.32 -2.49 -2.00
C TYR A 354 11.22 -3.21 -1.23
N SER A 355 9.98 -2.79 -1.47
CA SER A 355 8.83 -3.34 -0.75
C SER A 355 8.49 -4.76 -1.19
N ASP A 356 8.92 -5.13 -2.40
CA ASP A 356 8.73 -6.50 -2.88
C ASP A 356 9.94 -7.38 -2.55
N SER A 357 10.79 -6.89 -1.65
CA SER A 357 11.95 -7.61 -1.09
C SER A 357 13.17 -7.61 -2.00
N ASP A 358 13.02 -7.17 -3.25
CA ASP A 358 14.17 -7.03 -4.13
C ASP A 358 15.11 -5.96 -3.58
N LEU A 359 16.35 -5.97 -4.05
CA LEU A 359 17.40 -5.11 -3.52
C LEU A 359 17.95 -4.18 -4.58
N LYS A 360 18.08 -2.90 -4.25
CA LYS A 360 18.85 -1.98 -5.06
C LYS A 360 20.29 -2.08 -4.58
N VAL A 361 21.17 -2.53 -5.47
CA VAL A 361 22.56 -2.75 -5.10
C VAL A 361 23.47 -1.92 -6.00
N GLU A 362 24.36 -1.16 -5.36
CA GLU A 362 25.42 -0.44 -6.05
C GLU A 362 26.56 -1.38 -6.37
N VAL A 363 26.82 -1.58 -7.66
CA VAL A 363 27.88 -2.46 -8.11
C VAL A 363 28.44 -1.94 -9.44
N CYS A 364 29.75 -2.09 -9.63
CA CYS A 364 30.41 -1.67 -10.86
C CYS A 364 30.13 -0.22 -11.23
N GLY A 365 29.93 0.62 -10.22
CA GLY A 365 29.68 2.03 -10.46
C GLY A 365 28.28 2.33 -10.98
N THR A 366 27.39 1.35 -10.91
CA THR A 366 25.99 1.54 -11.28
C THR A 366 25.13 0.90 -10.20
N SER A 367 23.81 1.00 -10.34
CA SER A 367 22.91 0.30 -9.44
C SER A 367 22.05 -0.69 -10.23
N TRP A 368 21.77 -1.82 -9.61
CA TRP A 368 20.87 -2.81 -10.20
C TRP A 368 19.88 -3.31 -9.17
N THR A 369 18.75 -3.81 -9.68
CA THR A 369 17.76 -4.47 -8.84
C THR A 369 17.96 -5.98 -8.86
N TYR A 370 18.18 -6.54 -7.68
CA TYR A 370 18.46 -7.97 -7.54
C TYR A 370 17.43 -8.67 -6.69
N ASN A 371 17.05 -9.85 -7.15
CA ASN A 371 16.43 -10.85 -6.31
C ASN A 371 17.32 -11.07 -5.09
N PRO A 372 16.74 -11.06 -3.87
CA PRO A 372 17.62 -11.16 -2.70
C PRO A 372 18.40 -12.48 -2.63
N ALA A 373 17.94 -13.50 -3.34
CA ALA A 373 18.65 -14.77 -3.35
C ALA A 373 19.83 -14.71 -4.33
N ALA A 374 19.90 -13.65 -5.12
CA ALA A 374 20.97 -13.52 -6.11
C ALA A 374 22.23 -12.87 -5.54
N VAL A 375 22.18 -12.46 -4.27
CA VAL A 375 23.35 -11.90 -3.59
C VAL A 375 23.57 -12.55 -2.22
N SER A 376 24.81 -12.52 -1.75
CA SER A 376 25.17 -13.04 -0.43
C SER A 376 25.97 -12.06 0.40
N LYS A 377 25.65 -11.95 1.69
CA LYS A 377 26.39 -11.06 2.58
C LYS A 377 27.86 -11.46 2.62
N VAL A 378 28.75 -10.50 2.45
CA VAL A 378 30.18 -10.80 2.38
C VAL A 378 30.80 -10.77 3.77
ZN ZN B . -8.82 -8.54 1.88
ZN ZN C . -4.68 -18.14 -7.28
S SO4 D . -14.45 -19.27 -11.39
O1 SO4 D . -15.19 -20.11 -10.47
O2 SO4 D . -14.45 -19.87 -12.72
O3 SO4 D . -15.07 -17.95 -11.46
O4 SO4 D . -13.07 -19.15 -10.93
S SO4 E . -10.14 -0.62 -16.15
O1 SO4 E . -11.38 -0.78 -16.91
O2 SO4 E . -10.45 0.08 -14.91
O3 SO4 E . -9.56 -1.91 -15.84
O4 SO4 E . -9.17 0.16 -16.90
#